data_5K1F
#
_entry.id   5K1F
#
_cell.length_a   49.698
_cell.length_b   59.377
_cell.length_c   113.612
_cell.angle_alpha   90.00
_cell.angle_beta   90.00
_cell.angle_gamma   90.00
#
_symmetry.space_group_name_H-M   'P 21 21 21'
#
loop_
_entity.id
_entity.type
_entity.pdbx_description
1 polymer Beta-lactamase
2 non-polymer 'INOSINIC ACID'
3 non-polymer 'CADMIUM ION'
4 water water
#
_entity_poly.entity_id   1
_entity_poly.type   'polypeptide(L)'
_entity_poly.pdbx_seq_one_letter_code
;MHHHHHHGEASPVDPLRPVVDASIQPLLKEHRIPGMAVAVLKDGKAHYFNYGVANRESGAGVSEQTLFEIGSVSKTLTAT
LGAYAVVKGAMQLDDKASRHAPWLKGSAFDSITMGELATYSAGGLPLQFPEEVDSSEKMRAYYRQWAPVYSPGSHRQYSN
PSIGLFGHLAASSLKQPFAPLMEQTLLPGLGMHHTYVNVPKQAMASYAYGYSKEDKPIRVNPGMLADEAYGIKTSSADLL
RFVKANIGGVDDKALQQAISLTHQGHYSVGGMTQGLGWESYAYPVTEQTLLAGNSAKVILEANPTAAPRESGSQVLFNKT
GSTNGFGAYVAFVPARGIGIVMLANRNYPIEARIKAAHAILAQLAG
;
_entity_poly.pdbx_strand_id   A
#
# COMPACT_ATOMS: atom_id res chain seq x y z
N HIS A 6 -18.54 -31.11 0.38
CA HIS A 6 -17.38 -31.96 0.12
C HIS A 6 -17.22 -33.06 1.19
N HIS A 7 -18.33 -33.65 1.61
CA HIS A 7 -18.28 -34.72 2.62
C HIS A 7 -17.47 -35.92 2.13
N GLY A 8 -16.52 -36.36 2.94
CA GLY A 8 -15.73 -37.53 2.60
C GLY A 8 -14.34 -37.22 2.05
N GLU A 9 -14.10 -35.95 1.71
CA GLU A 9 -12.78 -35.52 1.27
C GLU A 9 -11.87 -35.29 2.48
N ALA A 10 -10.58 -35.57 2.33
CA ALA A 10 -9.62 -35.24 3.37
C ALA A 10 -9.55 -33.72 3.50
N SER A 11 -9.64 -33.22 4.73
CA SER A 11 -9.48 -31.80 4.98
C SER A 11 -8.00 -31.43 4.83
N PRO A 12 -7.71 -30.23 4.32
CA PRO A 12 -6.32 -29.77 4.15
C PRO A 12 -5.48 -29.90 5.42
N VAL A 13 -4.20 -30.24 5.26
CA VAL A 13 -3.36 -30.66 6.37
C VAL A 13 -2.74 -29.51 7.18
N ASP A 14 -2.66 -28.32 6.59
CA ASP A 14 -2.05 -27.16 7.24
C ASP A 14 -2.65 -26.83 8.61
N PRO A 15 -1.82 -26.82 9.66
CA PRO A 15 -2.29 -26.58 11.03
C PRO A 15 -2.89 -25.18 11.20
N LEU A 16 -2.54 -24.26 10.31
CA LEU A 16 -3.03 -22.89 10.39
C LEU A 16 -4.36 -22.67 9.69
N ARG A 17 -4.77 -23.61 8.83
CA ARG A 17 -6.02 -23.47 8.09
C ARG A 17 -7.25 -23.18 8.97
N PRO A 18 -7.41 -23.89 10.11
CA PRO A 18 -8.60 -23.60 10.92
C PRO A 18 -8.67 -22.15 11.43
N VAL A 19 -7.54 -21.62 11.88
CA VAL A 19 -7.49 -20.25 12.40
C VAL A 19 -7.85 -19.22 11.33
N VAL A 20 -7.28 -19.39 10.14
CA VAL A 20 -7.52 -18.46 9.04
C VAL A 20 -8.96 -18.53 8.54
N ASP A 21 -9.41 -19.75 8.23
CA ASP A 21 -10.81 -19.99 7.85
C ASP A 21 -11.80 -19.36 8.83
N ALA A 22 -11.54 -19.49 10.13
CA ALA A 22 -12.48 -19.05 11.15
C ALA A 22 -12.69 -17.56 11.07
N SER A 23 -11.65 -16.83 10.67
CA SER A 23 -11.76 -15.38 10.53
C SER A 23 -12.22 -14.97 9.12
N ILE A 24 -11.78 -15.72 8.11
CA ILE A 24 -11.99 -15.28 6.74
C ILE A 24 -13.34 -15.70 6.14
N GLN A 25 -13.79 -16.92 6.39
CA GLN A 25 -15.05 -17.40 5.81
C GLN A 25 -16.28 -16.55 6.21
N PRO A 26 -16.40 -16.12 7.48
CA PRO A 26 -17.53 -15.23 7.81
C PRO A 26 -17.47 -13.91 7.04
N LEU A 27 -16.26 -13.44 6.81
CA LEU A 27 -16.01 -12.24 6.04
C LEU A 27 -16.56 -12.36 4.61
N LEU A 28 -16.24 -13.49 3.97
CA LEU A 28 -16.65 -13.72 2.60
C LEU A 28 -18.16 -13.78 2.44
N LYS A 29 -18.86 -14.36 3.41
CA LYS A 29 -20.31 -14.47 3.28
C LYS A 29 -21.01 -13.18 3.75
N GLU A 30 -20.52 -12.55 4.81
CA GLU A 30 -21.14 -11.30 5.27
C GLU A 30 -21.10 -10.20 4.21
N HIS A 31 -19.96 -10.07 3.53
CA HIS A 31 -19.82 -8.97 2.58
C HIS A 31 -19.85 -9.41 1.11
N ARG A 32 -20.32 -10.63 0.86
CA ARG A 32 -20.43 -11.21 -0.49
C ARG A 32 -19.18 -10.99 -1.36
N ILE A 33 -18.02 -11.36 -0.83
CA ILE A 33 -16.75 -11.24 -1.54
C ILE A 33 -16.57 -12.41 -2.52
N PRO A 34 -16.39 -12.12 -3.82
CA PRO A 34 -16.27 -13.21 -4.81
C PRO A 34 -15.03 -14.08 -4.59
N GLY A 35 -13.92 -13.48 -4.18
CA GLY A 35 -12.70 -14.23 -4.04
C GLY A 35 -11.69 -13.53 -3.15
N MET A 36 -10.88 -14.30 -2.43
CA MET A 36 -9.82 -13.72 -1.64
C MET A 36 -8.59 -14.62 -1.58
N ALA A 37 -7.42 -14.02 -1.78
CA ALA A 37 -6.16 -14.71 -1.55
C ALA A 37 -5.55 -14.23 -0.24
N VAL A 38 -5.28 -15.17 0.67
CA VAL A 38 -4.68 -14.83 1.95
C VAL A 38 -3.31 -15.50 2.03
N ALA A 39 -2.33 -14.79 2.55
CA ALA A 39 -1.03 -15.42 2.73
C ALA A 39 -0.53 -15.04 4.11
N VAL A 40 0.07 -16.00 4.79
CA VAL A 40 0.50 -15.79 6.15
C VAL A 40 1.95 -16.22 6.31
N LEU A 41 2.71 -15.42 7.05
CA LEU A 41 4.08 -15.78 7.44
C LEU A 41 4.14 -16.15 8.92
N LYS A 42 4.79 -17.26 9.22
CA LYS A 42 5.04 -17.70 10.60
C LYS A 42 6.22 -18.66 10.59
N ASP A 43 7.19 -18.42 11.47
CA ASP A 43 8.37 -19.30 11.59
C ASP A 43 9.12 -19.48 10.27
N GLY A 44 9.35 -18.38 9.56
CA GLY A 44 10.07 -18.40 8.29
C GLY A 44 9.39 -19.12 7.14
N LYS A 45 8.11 -19.42 7.26
CA LYS A 45 7.42 -20.16 6.21
C LYS A 45 6.14 -19.47 5.76
N ALA A 46 5.92 -19.46 4.45
CA ALA A 46 4.71 -18.90 3.84
C ALA A 46 3.59 -19.93 3.79
N HIS A 47 2.39 -19.52 4.17
CA HIS A 47 1.18 -20.34 4.06
C HIS A 47 0.14 -19.60 3.23
N TYR A 48 -0.43 -20.27 2.23
CA TYR A 48 -1.43 -19.64 1.36
C TYR A 48 -2.81 -20.27 1.57
N PHE A 49 -3.81 -19.42 1.75
CA PHE A 49 -5.18 -19.88 1.83
C PHE A 49 -6.03 -19.07 0.84
N ASN A 50 -6.71 -19.80 -0.05
CA ASN A 50 -7.43 -19.17 -1.15
C ASN A 50 -8.91 -19.48 -1.12
N TYR A 51 -9.71 -18.47 -1.46
CA TYR A 51 -11.15 -18.58 -1.37
C TYR A 51 -11.82 -18.03 -2.61
N GLY A 52 -12.78 -18.76 -3.14
CA GLY A 52 -13.68 -18.25 -4.16
C GLY A 52 -13.08 -18.07 -5.55
N VAL A 53 -13.62 -17.08 -6.26
CA VAL A 53 -13.35 -16.95 -7.68
C VAL A 53 -12.72 -15.60 -8.04
N ALA A 54 -11.78 -15.63 -8.96
CA ALA A 54 -11.06 -14.44 -9.37
C ALA A 54 -11.77 -13.74 -10.52
N ASN A 55 -12.42 -14.54 -11.35
CA ASN A 55 -13.09 -14.06 -12.55
C ASN A 55 -14.34 -14.89 -12.76
N ARG A 56 -15.50 -14.26 -12.66
CA ARG A 56 -16.77 -14.97 -12.75
C ARG A 56 -17.07 -15.45 -14.17
N GLU A 57 -16.39 -14.85 -15.14
CA GLU A 57 -16.58 -15.30 -16.51
C GLU A 57 -15.86 -16.63 -16.71
N SER A 58 -14.61 -16.72 -16.26
CA SER A 58 -13.85 -17.95 -16.48
C SER A 58 -14.18 -18.96 -15.39
N GLY A 59 -14.74 -18.46 -14.29
CA GLY A 59 -15.03 -19.28 -13.11
C GLY A 59 -13.77 -19.78 -12.41
N ALA A 60 -12.63 -19.25 -12.82
CA ALA A 60 -11.35 -19.69 -12.29
C ALA A 60 -11.21 -19.30 -10.83
N GLY A 61 -10.69 -20.23 -10.03
CA GLY A 61 -10.52 -20.03 -8.61
C GLY A 61 -9.35 -19.11 -8.30
N VAL A 62 -9.44 -18.40 -7.19
CA VAL A 62 -8.31 -17.63 -6.69
C VAL A 62 -7.16 -18.55 -6.29
N SER A 63 -5.93 -18.16 -6.63
CA SER A 63 -4.73 -18.81 -6.08
C SER A 63 -3.74 -17.75 -5.62
N GLU A 64 -2.60 -18.19 -5.10
CA GLU A 64 -1.58 -17.25 -4.65
C GLU A 64 -0.80 -16.67 -5.82
N GLN A 65 -1.17 -17.09 -7.03
CA GLN A 65 -0.62 -16.54 -8.27
C GLN A 65 -1.54 -15.49 -8.92
N THR A 66 -2.79 -15.43 -8.46
CA THR A 66 -3.80 -14.49 -8.98
C THR A 66 -3.37 -13.04 -8.73
N LEU A 67 -3.51 -12.19 -9.75
CA LEU A 67 -3.19 -10.76 -9.60
C LEU A 67 -4.39 -9.94 -9.14
N PHE A 68 -4.21 -9.20 -8.06
CA PHE A 68 -5.22 -8.26 -7.56
C PHE A 68 -4.72 -6.84 -7.65
N GLU A 69 -5.63 -5.89 -7.81
CA GLU A 69 -5.28 -4.50 -7.60
C GLU A 69 -5.13 -4.28 -6.11
N ILE A 70 -4.05 -3.64 -5.68
CA ILE A 70 -3.89 -3.46 -4.24
C ILE A 70 -4.13 -2.02 -3.78
N GLY A 71 -4.59 -1.17 -4.71
CA GLY A 71 -4.91 0.21 -4.39
C GLY A 71 -3.77 0.87 -3.64
N SER A 72 -4.09 1.55 -2.55
CA SER A 72 -3.09 2.34 -1.82
C SER A 72 -1.98 1.52 -1.15
N VAL A 73 -2.04 0.19 -1.21
CA VAL A 73 -0.91 -0.57 -0.72
C VAL A 73 0.30 -0.25 -1.62
N SER A 74 0.01 0.16 -2.85
CA SER A 74 1.00 0.66 -3.79
C SER A 74 1.90 1.74 -3.19
N LYS A 75 1.37 2.49 -2.23
CA LYS A 75 2.13 3.58 -1.63
C LYS A 75 3.36 3.09 -0.84
N THR A 76 3.33 1.86 -0.36
CA THR A 76 4.49 1.32 0.34
C THR A 76 5.60 1.04 -0.67
N LEU A 77 5.23 0.68 -1.89
CA LEU A 77 6.23 0.40 -2.92
C LEU A 77 6.76 1.73 -3.45
N THR A 78 5.87 2.68 -3.68
CA THR A 78 6.27 4.03 -4.09
C THR A 78 7.19 4.68 -3.05
N ALA A 79 6.86 4.52 -1.78
CA ALA A 79 7.74 4.98 -0.69
C ALA A 79 9.11 4.32 -0.75
N THR A 80 9.15 3.03 -1.07
CA THR A 80 10.41 2.29 -1.10
C THR A 80 11.28 2.81 -2.25
N LEU A 81 10.64 3.10 -3.40
CA LEU A 81 11.33 3.70 -4.53
C LEU A 81 11.92 5.05 -4.13
N GLY A 82 11.12 5.87 -3.43
CA GLY A 82 11.60 7.17 -2.99
C GLY A 82 12.75 7.02 -2.02
N ALA A 83 12.64 6.08 -1.08
CA ALA A 83 13.74 5.79 -0.15
C ALA A 83 15.01 5.36 -0.90
N TYR A 84 14.81 4.63 -1.99
CA TYR A 84 15.91 4.16 -2.82
C TYR A 84 16.66 5.34 -3.43
N ALA A 85 15.90 6.30 -3.92
CA ALA A 85 16.49 7.52 -4.48
C ALA A 85 17.31 8.26 -3.40
N VAL A 86 16.86 8.21 -2.15
CA VAL A 86 17.61 8.84 -1.07
C VAL A 86 18.92 8.09 -0.80
N VAL A 87 18.85 6.77 -0.72
CA VAL A 87 20.03 5.94 -0.49
C VAL A 87 21.07 6.16 -1.59
N LYS A 88 20.60 6.25 -2.83
CA LYS A 88 21.48 6.43 -3.98
C LYS A 88 22.04 7.84 -4.08
N GLY A 89 21.56 8.75 -3.22
CA GLY A 89 22.04 10.11 -3.18
C GLY A 89 21.43 11.05 -4.19
N ALA A 90 20.38 10.61 -4.87
CA ALA A 90 19.74 11.40 -5.92
C ALA A 90 18.83 12.48 -5.33
N MET A 91 18.47 12.29 -4.06
CA MET A 91 17.64 13.26 -3.37
C MET A 91 17.68 13.04 -1.88
N GLN A 92 17.20 14.03 -1.15
CA GLN A 92 17.08 13.96 0.30
C GLN A 92 15.65 14.30 0.66
N LEU A 93 15.14 13.73 1.74
CA LEU A 93 13.76 13.99 2.16
C LEU A 93 13.55 15.48 2.52
N ASP A 94 14.60 16.16 2.93
CA ASP A 94 14.45 17.58 3.27
C ASP A 94 14.65 18.54 2.07
N ASP A 95 14.97 18.00 0.89
CA ASP A 95 14.95 18.81 -0.34
C ASP A 95 13.59 19.48 -0.52
N LYS A 96 13.58 20.74 -0.92
CA LYS A 96 12.35 21.36 -1.42
C LYS A 96 11.91 20.63 -2.70
N ALA A 97 10.61 20.43 -2.87
CA ALA A 97 10.12 19.68 -4.03
C ALA A 97 10.52 20.34 -5.35
N SER A 98 10.61 21.66 -5.37
CA SER A 98 10.89 22.36 -6.62
C SER A 98 12.33 22.17 -7.11
N ARG A 99 13.19 21.62 -6.24
CA ARG A 99 14.54 21.23 -6.67
C ARG A 99 14.53 20.09 -7.70
N HIS A 100 13.47 19.30 -7.70
CA HIS A 100 13.40 18.13 -8.58
C HIS A 100 12.41 18.32 -9.69
N ALA A 101 11.95 19.55 -9.85
CA ALA A 101 10.98 19.90 -10.88
C ALA A 101 11.06 21.40 -11.16
N PRO A 102 11.73 21.80 -12.26
CA PRO A 102 11.85 23.22 -12.59
C PRO A 102 10.48 23.87 -12.82
N TRP A 103 9.48 23.11 -13.28
CA TRP A 103 8.16 23.70 -13.50
C TRP A 103 7.44 24.03 -12.19
N LEU A 104 7.98 23.62 -11.04
CA LEU A 104 7.42 23.97 -9.75
C LEU A 104 8.03 25.23 -9.15
N LYS A 105 9.15 25.69 -9.71
CA LYS A 105 9.81 26.86 -9.17
C LYS A 105 8.83 28.03 -9.22
N GLY A 106 8.73 28.77 -8.11
CA GLY A 106 7.83 29.92 -8.04
C GLY A 106 6.49 29.61 -7.39
N SER A 107 6.25 28.35 -7.06
CA SER A 107 4.99 27.95 -6.42
C SER A 107 5.22 27.68 -4.93
N ALA A 108 4.18 27.23 -4.24
CA ALA A 108 4.32 26.88 -2.82
C ALA A 108 5.33 25.72 -2.62
N PHE A 109 5.53 24.93 -3.66
CA PHE A 109 6.40 23.76 -3.53
C PHE A 109 7.88 24.15 -3.49
N ASP A 110 8.14 25.45 -3.64
CA ASP A 110 9.44 26.02 -3.24
C ASP A 110 9.72 25.81 -1.75
N SER A 111 8.68 25.66 -0.95
CA SER A 111 8.83 25.64 0.51
C SER A 111 8.24 24.39 1.18
N ILE A 112 8.04 23.35 0.38
CA ILE A 112 7.49 22.08 0.83
C ILE A 112 8.52 21.02 0.51
N THR A 113 8.82 20.13 1.46
CA THR A 113 9.86 19.15 1.23
C THR A 113 9.31 17.86 0.61
N MET A 114 10.21 17.05 0.07
CA MET A 114 9.87 15.72 -0.42
C MET A 114 9.26 14.86 0.69
N GLY A 115 9.85 14.93 1.87
CA GLY A 115 9.34 14.22 3.04
C GLY A 115 7.89 14.56 3.34
N GLU A 116 7.57 15.84 3.31
CA GLU A 116 6.20 16.29 3.54
C GLU A 116 5.21 15.75 2.49
N LEU A 117 5.60 15.76 1.22
CA LEU A 117 4.79 15.14 0.18
C LEU A 117 4.54 13.66 0.49
N ALA A 118 5.62 12.96 0.84
CA ALA A 118 5.56 11.51 1.05
C ALA A 118 4.67 11.14 2.23
N THR A 119 4.60 12.02 3.22
CA THR A 119 3.85 11.75 4.44
C THR A 119 2.57 12.59 4.57
N TYR A 120 2.06 13.04 3.42
CA TYR A 120 0.76 13.71 3.36
C TYR A 120 0.66 14.97 4.24
N SER A 121 1.79 15.62 4.51
CA SER A 121 1.80 16.72 5.46
C SER A 121 2.25 18.03 4.81
N ALA A 122 2.10 18.12 3.50
CA ALA A 122 2.48 19.31 2.73
C ALA A 122 1.61 20.53 3.04
N GLY A 123 0.40 20.31 3.56
CA GLY A 123 -0.45 21.42 3.95
C GLY A 123 -1.84 21.44 3.34
N GLY A 124 -2.45 20.27 3.17
CA GLY A 124 -3.85 20.22 2.79
C GLY A 124 -4.13 19.79 1.37
N LEU A 125 -3.15 19.20 0.69
CA LEU A 125 -3.43 18.54 -0.58
C LEU A 125 -4.58 17.57 -0.35
N PRO A 126 -5.57 17.56 -1.25
CA PRO A 126 -6.79 16.74 -1.09
C PRO A 126 -6.59 15.24 -1.36
N LEU A 127 -7.56 14.43 -0.96
CA LEU A 127 -7.49 12.99 -1.16
C LEU A 127 -7.30 12.60 -2.63
N GLN A 128 -8.08 13.22 -3.52
CA GLN A 128 -8.01 12.96 -4.96
C GLN A 128 -7.77 14.23 -5.76
N PHE A 129 -7.22 14.11 -6.96
CA PHE A 129 -7.17 15.27 -7.86
C PHE A 129 -8.60 15.69 -8.14
N PRO A 130 -8.84 16.99 -8.39
CA PRO A 130 -10.15 17.36 -8.93
C PRO A 130 -10.37 16.61 -10.24
N GLU A 131 -11.62 16.28 -10.54
CA GLU A 131 -11.93 15.44 -11.68
C GLU A 131 -11.46 16.08 -13.00
N GLU A 132 -11.41 17.40 -13.03
CA GLU A 132 -10.96 18.15 -14.22
C GLU A 132 -9.49 17.86 -14.59
N VAL A 133 -8.68 17.50 -13.60
CA VAL A 133 -7.24 17.31 -13.82
C VAL A 133 -6.96 15.94 -14.44
N ASP A 134 -6.90 15.87 -15.77
CA ASP A 134 -6.80 14.56 -16.43
C ASP A 134 -5.73 14.47 -17.51
N SER A 135 -4.73 15.35 -17.45
CA SER A 135 -3.61 15.31 -18.37
C SER A 135 -2.37 15.81 -17.64
N SER A 136 -1.19 15.51 -18.16
CA SER A 136 0.05 15.96 -17.53
C SER A 136 0.09 17.47 -17.43
N GLU A 137 -0.35 18.15 -18.49
CA GLU A 137 -0.37 19.59 -18.53
C GLU A 137 -1.33 20.17 -17.49
N LYS A 138 -2.49 19.55 -17.33
CA LYS A 138 -3.47 20.02 -16.36
C LYS A 138 -3.00 19.74 -14.95
N MET A 139 -2.24 18.66 -14.79
CA MET A 139 -1.68 18.34 -13.49
C MET A 139 -0.69 19.41 -13.03
N ARG A 140 0.25 19.76 -13.90
CA ARG A 140 1.22 20.80 -13.62
C ARG A 140 0.54 22.12 -13.24
N ALA A 141 -0.47 22.51 -14.01
CA ALA A 141 -1.22 23.72 -13.71
C ALA A 141 -1.86 23.63 -12.32
N TYR A 142 -2.38 22.46 -11.99
CA TYR A 142 -3.04 22.28 -10.70
C TYR A 142 -2.08 22.56 -9.54
N TYR A 143 -0.89 21.96 -9.56
CA TYR A 143 0.08 22.13 -8.50
C TYR A 143 0.60 23.58 -8.43
N ARG A 144 0.74 24.23 -9.59
CA ARG A 144 1.27 25.60 -9.60
C ARG A 144 0.28 26.58 -9.00
N GLN A 145 -1.01 26.27 -9.05
CA GLN A 145 -2.01 27.20 -8.53
C GLN A 145 -2.48 26.85 -7.12
N TRP A 146 -2.10 25.66 -6.64
CA TRP A 146 -2.63 25.15 -5.39
C TRP A 146 -2.27 26.05 -4.20
N ALA A 147 -3.26 26.36 -3.38
CA ALA A 147 -3.09 27.21 -2.21
C ALA A 147 -3.03 26.38 -0.93
N PRO A 148 -1.90 26.46 -0.22
CA PRO A 148 -1.77 25.69 1.02
C PRO A 148 -2.83 26.08 2.05
N VAL A 149 -3.39 25.07 2.73
CA VAL A 149 -4.44 25.28 3.72
C VAL A 149 -3.83 25.38 5.12
N TYR A 150 -2.79 24.57 5.34
CA TYR A 150 -2.09 24.52 6.62
C TYR A 150 -0.60 24.74 6.35
N SER A 151 0.14 25.09 7.39
CA SER A 151 1.58 25.21 7.26
C SER A 151 2.18 23.82 7.06
N PRO A 152 3.25 23.73 6.23
CA PRO A 152 4.00 22.48 5.99
C PRO A 152 4.33 21.73 7.27
N GLY A 153 3.94 20.45 7.33
CA GLY A 153 4.28 19.59 8.44
C GLY A 153 3.30 19.60 9.62
N SER A 154 2.33 20.49 9.59
CA SER A 154 1.47 20.66 10.77
C SER A 154 0.30 19.70 10.79
N HIS A 155 -0.16 19.26 9.61
CA HIS A 155 -1.33 18.41 9.51
C HIS A 155 -1.14 17.27 8.54
N ARG A 156 -1.73 16.13 8.88
CA ARG A 156 -1.84 15.00 7.96
C ARG A 156 -3.18 15.03 7.24
N GLN A 157 -3.14 15.09 5.92
CA GLN A 157 -4.32 14.95 5.09
C GLN A 157 -3.99 13.94 4.00
N TYR A 158 -4.45 12.71 4.20
CA TYR A 158 -4.21 11.58 3.31
C TYR A 158 -4.54 11.98 1.89
N SER A 159 -3.59 11.79 0.98
CA SER A 159 -3.66 12.44 -0.32
C SER A 159 -2.92 11.70 -1.43
N ASN A 160 -3.64 11.35 -2.50
CA ASN A 160 -2.99 10.81 -3.71
C ASN A 160 -2.15 11.83 -4.48
N PRO A 161 -2.65 13.07 -4.69
CA PRO A 161 -1.74 14.07 -5.28
C PRO A 161 -0.43 14.26 -4.50
N SER A 162 -0.46 14.09 -3.18
CA SER A 162 0.73 14.29 -2.36
C SER A 162 1.77 13.17 -2.54
N ILE A 163 1.43 11.93 -2.17
CA ILE A 163 2.38 10.82 -2.32
C ILE A 163 2.66 10.57 -3.82
N GLY A 164 1.68 10.86 -4.66
CA GLY A 164 1.85 10.74 -6.09
C GLY A 164 2.94 11.65 -6.62
N LEU A 165 2.96 12.90 -6.15
CA LEU A 165 3.99 13.82 -6.58
C LEU A 165 5.37 13.42 -6.04
N PHE A 166 5.43 12.93 -4.80
CA PHE A 166 6.66 12.38 -4.23
C PHE A 166 7.28 11.28 -5.11
N GLY A 167 6.49 10.29 -5.48
CA GLY A 167 6.93 9.20 -6.33
C GLY A 167 7.40 9.68 -7.70
N HIS A 168 6.68 10.62 -8.27
CA HIS A 168 7.01 11.17 -9.59
C HIS A 168 8.36 11.90 -9.63
N LEU A 169 8.60 12.73 -8.62
CA LEU A 169 9.82 13.51 -8.55
C LEU A 169 11.00 12.65 -8.15
N ALA A 170 10.71 11.62 -7.35
CA ALA A 170 11.74 10.68 -6.93
C ALA A 170 12.21 9.89 -8.15
N ALA A 171 11.30 9.44 -9.00
CA ALA A 171 11.71 8.76 -10.23
C ALA A 171 12.48 9.73 -11.14
N SER A 172 12.04 10.99 -11.18
CA SER A 172 12.73 11.98 -12.01
C SER A 172 14.14 12.30 -11.48
N SER A 173 14.34 12.25 -10.17
CA SER A 173 15.67 12.43 -9.60
C SER A 173 16.60 11.29 -10.01
N LEU A 174 16.03 10.12 -10.29
CA LEU A 174 16.79 8.95 -10.70
C LEU A 174 16.86 8.86 -12.22
N LYS A 175 16.36 9.91 -12.88
CA LYS A 175 16.39 10.06 -14.34
C LYS A 175 15.82 8.86 -15.09
N GLN A 176 14.70 8.35 -14.59
CA GLN A 176 13.96 7.33 -15.33
C GLN A 176 12.49 7.47 -15.00
N PRO A 177 11.63 7.23 -16.00
CA PRO A 177 10.18 7.25 -15.72
C PRO A 177 9.78 6.21 -14.66
N PHE A 178 8.73 6.53 -13.92
CA PHE A 178 8.34 5.79 -12.73
C PHE A 178 8.05 4.32 -13.01
N ALA A 179 7.20 4.04 -13.99
CA ALA A 179 6.78 2.65 -14.22
C ALA A 179 7.96 1.71 -14.57
N PRO A 180 8.83 2.09 -15.54
CA PRO A 180 9.98 1.22 -15.83
C PRO A 180 10.98 1.12 -14.67
N LEU A 181 11.14 2.19 -13.91
CA LEU A 181 12.01 2.15 -12.73
C LEU A 181 11.51 1.14 -11.70
N MET A 182 10.21 1.16 -11.44
CA MET A 182 9.57 0.19 -10.55
C MET A 182 9.68 -1.25 -11.05
N GLU A 183 9.35 -1.44 -12.32
CA GLU A 183 9.23 -2.80 -12.87
C GLU A 183 10.59 -3.42 -13.19
N GLN A 184 11.56 -2.58 -13.54
CA GLN A 184 12.86 -3.10 -13.98
C GLN A 184 13.94 -3.05 -12.90
N THR A 185 13.76 -2.19 -11.91
CA THR A 185 14.75 -2.04 -10.84
C THR A 185 14.22 -2.45 -9.47
N LEU A 186 13.18 -1.76 -9.00
CA LEU A 186 12.73 -1.97 -7.62
C LEU A 186 12.14 -3.36 -7.40
N LEU A 187 11.06 -3.67 -8.12
CA LEU A 187 10.35 -4.94 -7.93
C LEU A 187 11.26 -6.19 -8.08
N PRO A 188 12.10 -6.25 -9.13
CA PRO A 188 13.00 -7.41 -9.19
C PRO A 188 13.92 -7.55 -7.97
N GLY A 189 14.42 -6.43 -7.47
CA GLY A 189 15.30 -6.44 -6.31
C GLY A 189 14.59 -6.91 -5.05
N LEU A 190 13.27 -6.73 -5.01
CA LEU A 190 12.46 -7.20 -3.88
C LEU A 190 12.04 -8.65 -4.07
N GLY A 191 12.44 -9.25 -5.19
CA GLY A 191 12.03 -10.59 -5.52
C GLY A 191 10.57 -10.70 -5.91
N MET A 192 9.98 -9.60 -6.37
CA MET A 192 8.57 -9.57 -6.77
C MET A 192 8.46 -9.66 -8.28
N HIS A 193 8.58 -10.87 -8.80
CA HIS A 193 8.62 -11.09 -10.24
C HIS A 193 7.24 -11.32 -10.83
N HIS A 194 6.21 -11.20 -10.01
CA HIS A 194 4.83 -11.30 -10.48
C HIS A 194 4.06 -10.10 -9.92
N THR A 195 4.63 -8.91 -10.13
CA THR A 195 4.08 -7.65 -9.65
C THR A 195 4.27 -6.59 -10.74
N TYR A 196 3.24 -5.80 -11.01
CA TYR A 196 3.29 -4.91 -12.18
C TYR A 196 2.59 -3.59 -11.95
N VAL A 197 3.13 -2.55 -12.56
CA VAL A 197 2.38 -1.32 -12.74
C VAL A 197 1.40 -1.53 -13.88
N ASN A 198 1.93 -2.02 -15.00
CA ASN A 198 1.14 -2.34 -16.18
C ASN A 198 1.23 -3.84 -16.47
N VAL A 199 0.11 -4.53 -16.33
CA VAL A 199 0.11 -5.99 -16.50
C VAL A 199 0.36 -6.32 -17.97
N PRO A 200 1.44 -7.08 -18.25
CA PRO A 200 1.77 -7.44 -19.64
C PRO A 200 0.89 -8.57 -20.16
N LYS A 201 0.86 -8.76 -21.47
CA LYS A 201 0.02 -9.77 -22.12
C LYS A 201 0.14 -11.18 -21.52
N GLN A 202 1.36 -11.68 -21.29
CA GLN A 202 1.50 -13.04 -20.77
C GLN A 202 1.09 -13.19 -19.30
N ALA A 203 0.71 -12.08 -18.66
CA ALA A 203 0.21 -12.13 -17.28
C ALA A 203 -1.26 -11.75 -17.16
N MET A 204 -1.89 -11.35 -18.26
CA MET A 204 -3.28 -10.85 -18.20
C MET A 204 -4.27 -11.90 -17.73
N ALA A 205 -3.98 -13.17 -18.03
CA ALA A 205 -4.87 -14.26 -17.64
C ALA A 205 -4.98 -14.41 -16.11
N SER A 206 -3.91 -14.04 -15.38
CA SER A 206 -3.88 -14.15 -13.93
C SER A 206 -4.57 -12.97 -13.22
N TYR A 207 -4.88 -11.92 -13.97
CA TYR A 207 -5.47 -10.68 -13.46
C TYR A 207 -6.94 -10.86 -13.14
N ALA A 208 -7.28 -10.85 -11.87
CA ALA A 208 -8.67 -10.93 -11.43
C ALA A 208 -9.52 -9.77 -11.96
N TYR A 209 -10.84 -9.94 -11.95
CA TYR A 209 -11.74 -8.81 -12.06
C TYR A 209 -12.17 -8.38 -10.67
N GLY A 210 -12.32 -7.08 -10.50
CA GLY A 210 -12.89 -6.56 -9.28
C GLY A 210 -14.39 -6.50 -9.48
N TYR A 211 -15.14 -6.49 -8.39
CA TYR A 211 -16.59 -6.46 -8.48
C TYR A 211 -17.16 -5.35 -7.60
N SER A 212 -18.01 -4.51 -8.21
CA SER A 212 -18.64 -3.41 -7.50
C SER A 212 -19.73 -3.91 -6.56
N LYS A 213 -20.31 -2.99 -5.81
CA LYS A 213 -21.46 -3.29 -4.96
C LYS A 213 -22.65 -3.86 -5.75
N GLU A 214 -22.75 -3.51 -7.04
CA GLU A 214 -23.80 -4.05 -7.91
C GLU A 214 -23.34 -5.30 -8.63
N ASP A 215 -22.24 -5.87 -8.14
CA ASP A 215 -21.67 -7.07 -8.71
C ASP A 215 -21.39 -6.93 -10.21
N LYS A 216 -20.92 -5.75 -10.60
CA LYS A 216 -20.45 -5.57 -11.96
C LYS A 216 -18.92 -5.63 -11.98
N PRO A 217 -18.37 -6.31 -12.99
CA PRO A 217 -16.91 -6.47 -13.13
C PRO A 217 -16.26 -5.14 -13.50
N ILE A 218 -15.22 -4.76 -12.78
CA ILE A 218 -14.53 -3.50 -13.03
C ILE A 218 -13.04 -3.65 -12.72
N ARG A 219 -12.21 -2.87 -13.39
CA ARG A 219 -10.81 -2.72 -13.01
C ARG A 219 -10.47 -1.23 -12.88
N VAL A 220 -9.34 -0.92 -12.24
CA VAL A 220 -9.03 0.46 -11.89
C VAL A 220 -8.93 1.32 -13.17
N ASN A 221 -9.42 2.55 -13.08
CA ASN A 221 -9.38 3.50 -14.18
C ASN A 221 -8.08 4.29 -14.23
N PRO A 222 -7.57 4.55 -15.44
CA PRO A 222 -6.48 5.52 -15.62
C PRO A 222 -6.77 6.85 -14.92
N GLY A 223 -5.77 7.39 -14.25
CA GLY A 223 -5.90 8.68 -13.60
C GLY A 223 -4.50 9.27 -13.49
N MET A 224 -4.41 10.55 -13.17
CA MET A 224 -3.08 11.16 -13.06
C MET A 224 -2.34 10.62 -11.84
N LEU A 225 -1.07 10.23 -12.05
CA LEU A 225 -0.24 9.64 -10.99
C LEU A 225 -0.83 8.39 -10.37
N ALA A 226 -1.67 7.68 -11.12
CA ALA A 226 -2.24 6.43 -10.66
C ALA A 226 -1.14 5.42 -10.37
N ASP A 227 -0.12 5.39 -11.22
CA ASP A 227 0.98 4.44 -11.08
C ASP A 227 1.61 4.61 -9.70
N GLU A 228 1.84 5.87 -9.34
CA GLU A 228 2.51 6.22 -8.09
C GLU A 228 1.64 6.01 -6.85
N ALA A 229 0.34 6.24 -6.99
CA ALA A 229 -0.52 6.31 -5.80
C ALA A 229 -1.32 5.04 -5.50
N TYR A 230 -1.75 4.31 -6.53
CA TYR A 230 -2.66 3.18 -6.33
C TYR A 230 -2.69 2.17 -7.48
N GLY A 231 -1.62 2.12 -8.28
CA GLY A 231 -1.66 1.35 -9.51
C GLY A 231 -1.01 -0.03 -9.59
N ILE A 232 -0.53 -0.56 -8.47
CA ILE A 232 0.18 -1.85 -8.53
C ILE A 232 -0.81 -3.02 -8.59
N LYS A 233 -0.51 -4.00 -9.44
CA LYS A 233 -1.20 -5.29 -9.39
C LYS A 233 -0.20 -6.33 -8.86
N THR A 234 -0.61 -7.17 -7.92
CA THR A 234 0.30 -8.17 -7.40
C THR A 234 -0.47 -9.38 -6.87
N SER A 235 0.27 -10.44 -6.55
CA SER A 235 -0.34 -11.66 -6.03
C SER A 235 -0.13 -11.70 -4.54
N SER A 236 -0.80 -12.62 -3.84
CA SER A 236 -0.59 -12.73 -2.41
C SER A 236 0.84 -13.20 -2.14
N ALA A 237 1.38 -14.04 -3.01
CA ALA A 237 2.71 -14.61 -2.76
C ALA A 237 3.80 -13.54 -2.91
N ASP A 238 3.64 -12.66 -3.90
CA ASP A 238 4.60 -11.59 -4.08
C ASP A 238 4.54 -10.56 -2.96
N LEU A 239 3.33 -10.22 -2.52
CA LEU A 239 3.20 -9.27 -1.42
C LEU A 239 3.76 -9.87 -0.11
N LEU A 240 3.63 -11.18 0.05
CA LEU A 240 4.23 -11.80 1.23
C LEU A 240 5.76 -11.77 1.11
N ARG A 241 6.28 -11.88 -0.12
CA ARG A 241 7.73 -11.71 -0.33
C ARG A 241 8.19 -10.29 0.08
N PHE A 242 7.36 -9.29 -0.20
CA PHE A 242 7.65 -7.90 0.17
C PHE A 242 7.67 -7.76 1.70
N VAL A 243 6.74 -8.45 2.37
CA VAL A 243 6.75 -8.52 3.82
C VAL A 243 8.06 -9.11 4.34
N LYS A 244 8.48 -10.25 3.76
CA LYS A 244 9.74 -10.89 4.15
C LYS A 244 10.92 -9.97 3.93
N ALA A 245 10.91 -9.25 2.81
CA ALA A 245 11.94 -8.26 2.53
C ALA A 245 11.98 -7.19 3.63
N ASN A 246 10.81 -6.85 4.17
CA ASN A 246 10.72 -5.87 5.25
C ASN A 246 11.12 -6.46 6.61
N ILE A 247 11.31 -7.78 6.67
CA ILE A 247 11.72 -8.38 7.93
C ILE A 247 13.18 -8.83 7.88
N GLY A 248 13.51 -9.70 6.94
CA GLY A 248 14.84 -10.27 6.83
C GLY A 248 15.73 -9.53 5.85
N GLY A 249 15.15 -8.66 5.05
CA GLY A 249 15.93 -7.89 4.09
C GLY A 249 16.15 -8.53 2.72
N VAL A 250 17.03 -7.92 1.93
CA VAL A 250 17.32 -8.35 0.57
C VAL A 250 18.80 -8.26 0.23
N ASP A 251 19.19 -8.88 -0.88
CA ASP A 251 20.59 -8.86 -1.30
C ASP A 251 21.08 -7.52 -1.86
N ASP A 252 20.21 -6.76 -2.53
CA ASP A 252 20.64 -5.46 -3.03
C ASP A 252 20.84 -4.52 -1.85
N LYS A 253 22.05 -4.02 -1.68
CA LYS A 253 22.43 -3.30 -0.48
C LYS A 253 21.73 -1.95 -0.36
N ALA A 254 21.49 -1.29 -1.50
CA ALA A 254 20.84 0.01 -1.48
C ALA A 254 19.38 -0.18 -1.14
N LEU A 255 18.80 -1.24 -1.70
CA LEU A 255 17.42 -1.55 -1.49
C LEU A 255 17.19 -1.95 -0.04
N GLN A 256 18.17 -2.64 0.55
CA GLN A 256 18.11 -2.96 1.97
C GLN A 256 17.96 -1.71 2.85
N GLN A 257 18.79 -0.70 2.58
CA GLN A 257 18.77 0.56 3.34
C GLN A 257 17.45 1.27 3.16
N ALA A 258 16.99 1.31 1.91
CA ALA A 258 15.74 2.00 1.58
C ALA A 258 14.57 1.38 2.34
N ILE A 259 14.55 0.06 2.41
CA ILE A 259 13.52 -0.62 3.18
C ILE A 259 13.52 -0.13 4.63
N SER A 260 14.70 -0.10 5.24
CA SER A 260 14.81 0.35 6.62
C SER A 260 14.35 1.80 6.76
N LEU A 261 14.64 2.63 5.75
CA LEU A 261 14.25 4.04 5.80
C LEU A 261 12.73 4.20 5.80
N THR A 262 12.01 3.28 5.15
CA THR A 262 10.55 3.38 5.10
C THR A 262 9.90 3.14 6.47
N HIS A 263 10.63 2.48 7.37
CA HIS A 263 10.13 2.15 8.71
C HIS A 263 10.30 3.33 9.69
N GLN A 264 11.15 4.28 9.35
CA GLN A 264 11.43 5.38 10.27
C GLN A 264 10.22 6.29 10.44
N GLY A 265 9.82 6.55 11.68
CA GLY A 265 8.65 7.36 11.95
C GLY A 265 8.90 8.86 11.75
N HIS A 266 7.90 9.57 11.25
CA HIS A 266 8.01 11.02 11.06
C HIS A 266 7.18 11.79 12.08
N TYR A 267 5.96 11.32 12.32
CA TYR A 267 5.05 11.93 13.27
C TYR A 267 3.97 10.90 13.60
N SER A 268 3.12 11.21 14.56
CA SER A 268 2.01 10.31 14.87
C SER A 268 0.68 11.03 14.80
N VAL A 269 -0.38 10.25 14.64
CA VAL A 269 -1.76 10.70 14.78
C VAL A 269 -2.40 9.66 15.71
N GLY A 270 -2.67 10.03 16.96
CA GLY A 270 -3.13 9.06 17.93
C GLY A 270 -2.08 7.97 18.11
N GLY A 271 -2.51 6.71 18.11
CA GLY A 271 -1.59 5.59 18.29
C GLY A 271 -0.86 5.15 17.03
N MET A 272 -1.11 5.83 15.92
CA MET A 272 -0.48 5.50 14.64
C MET A 272 0.70 6.43 14.33
N THR A 273 1.85 5.86 13.97
CA THR A 273 2.99 6.66 13.55
C THR A 273 3.20 6.53 12.03
N GLN A 274 3.30 7.67 11.36
CA GLN A 274 3.43 7.71 9.91
C GLN A 274 4.89 7.56 9.48
N GLY A 275 5.18 6.49 8.74
CA GLY A 275 6.48 6.26 8.13
C GLY A 275 6.43 6.66 6.67
N LEU A 276 7.40 6.22 5.86
CA LEU A 276 7.25 6.40 4.43
C LEU A 276 6.38 5.25 3.89
N GLY A 277 5.14 5.54 3.54
CA GLY A 277 4.22 4.52 3.06
C GLY A 277 3.62 3.67 4.19
N TRP A 278 4.46 2.97 4.94
CA TRP A 278 3.99 2.19 6.07
C TRP A 278 3.50 3.06 7.22
N GLU A 279 2.48 2.56 7.90
CA GLU A 279 1.96 3.15 9.13
C GLU A 279 2.17 2.12 10.25
N SER A 280 2.59 2.58 11.42
CA SER A 280 3.03 1.64 12.44
C SER A 280 2.41 1.90 13.82
N TYR A 281 2.48 0.87 14.65
CA TYR A 281 1.87 0.80 15.96
C TYR A 281 2.78 0.05 16.92
N ALA A 282 2.81 0.46 18.19
CA ALA A 282 3.42 -0.41 19.20
C ALA A 282 2.69 -1.75 19.20
N TYR A 283 3.44 -2.85 19.27
CA TYR A 283 2.85 -4.21 19.31
C TYR A 283 3.22 -4.87 20.64
N PRO A 284 2.30 -5.62 21.24
CA PRO A 284 0.92 -5.89 20.79
C PRO A 284 0.05 -4.64 20.78
N VAL A 285 -0.93 -4.61 19.88
CA VAL A 285 -1.78 -3.44 19.66
C VAL A 285 -3.24 -3.83 19.85
N THR A 286 -3.98 -3.03 20.61
CA THR A 286 -5.41 -3.30 20.77
C THR A 286 -6.14 -3.15 19.44
N GLU A 287 -7.22 -3.91 19.30
CA GLU A 287 -8.07 -3.82 18.14
C GLU A 287 -8.63 -2.40 17.99
N GLN A 288 -8.97 -1.74 19.10
CA GLN A 288 -9.53 -0.39 19.00
C GLN A 288 -8.50 0.62 18.45
N THR A 289 -7.23 0.46 18.84
CA THR A 289 -6.16 1.33 18.35
C THR A 289 -5.92 1.15 16.85
N LEU A 290 -5.90 -0.10 16.41
CA LEU A 290 -5.75 -0.43 14.99
C LEU A 290 -6.92 0.13 14.20
N LEU A 291 -8.13 -0.06 14.72
CA LEU A 291 -9.34 0.49 14.11
C LEU A 291 -9.32 2.02 14.02
N ALA A 292 -8.86 2.67 15.07
CA ALA A 292 -8.84 4.13 15.12
C ALA A 292 -7.87 4.71 14.09
N GLY A 293 -6.69 4.11 13.99
CA GLY A 293 -5.67 4.57 13.07
C GLY A 293 -6.05 4.35 11.61
N ASN A 294 -6.95 3.40 11.37
CA ASN A 294 -7.47 3.18 10.03
C ASN A 294 -8.94 3.58 9.90
N SER A 295 -9.37 4.53 10.72
CA SER A 295 -10.76 5.00 10.70
C SER A 295 -11.00 6.12 9.67
N ALA A 296 -12.28 6.36 9.35
CA ALA A 296 -12.67 7.45 8.44
C ALA A 296 -12.05 8.79 8.87
N LYS A 297 -12.02 9.02 10.18
CA LYS A 297 -11.48 10.26 10.74
C LYS A 297 -10.03 10.50 10.31
N VAL A 298 -9.22 9.46 10.41
CA VAL A 298 -7.82 9.58 10.04
C VAL A 298 -7.66 9.58 8.52
N ILE A 299 -8.48 8.79 7.83
CA ILE A 299 -8.37 8.69 6.38
C ILE A 299 -8.85 9.93 5.64
N LEU A 300 -9.93 10.54 6.12
CA LEU A 300 -10.65 11.52 5.31
C LEU A 300 -10.47 12.95 5.76
N GLU A 301 -10.10 13.16 7.02
CA GLU A 301 -9.97 14.54 7.49
C GLU A 301 -8.57 14.89 7.92
N ALA A 302 -8.33 16.19 8.04
CA ALA A 302 -7.02 16.69 8.37
C ALA A 302 -6.79 16.53 9.88
N ASN A 303 -5.66 15.96 10.24
CA ASN A 303 -5.35 15.68 11.63
C ASN A 303 -4.02 16.31 11.96
N PRO A 304 -3.92 16.90 13.16
CA PRO A 304 -2.65 17.53 13.55
C PRO A 304 -1.56 16.47 13.78
N THR A 305 -0.33 16.78 13.38
CA THR A 305 0.78 15.85 13.57
C THR A 305 1.28 15.95 15.02
N ALA A 306 1.62 14.81 15.61
CA ALA A 306 2.18 14.76 16.95
C ALA A 306 3.54 14.09 16.90
N ALA A 307 4.26 14.07 18.02
CA ALA A 307 5.58 13.43 18.06
C ALA A 307 5.50 11.95 17.64
N PRO A 308 6.48 11.48 16.83
CA PRO A 308 6.45 10.08 16.43
C PRO A 308 6.79 9.14 17.60
N ARG A 309 6.32 7.90 17.53
CA ARG A 309 6.67 6.89 18.52
C ARG A 309 8.19 6.67 18.45
N GLU A 310 8.83 6.51 19.61
CA GLU A 310 10.26 6.22 19.64
C GLU A 310 10.56 4.90 18.93
N SER A 311 11.69 4.85 18.21
CA SER A 311 12.03 3.69 17.38
C SER A 311 12.27 2.43 18.24
N GLN A 314 8.71 -3.60 20.14
CA GLN A 314 8.20 -4.34 18.99
C GLN A 314 7.13 -3.51 18.29
N VAL A 315 7.11 -3.63 16.96
CA VAL A 315 6.29 -2.75 16.13
C VAL A 315 5.48 -3.53 15.11
N LEU A 316 4.21 -3.13 14.92
CA LEU A 316 3.40 -3.65 13.82
C LEU A 316 3.33 -2.60 12.71
N PHE A 317 3.54 -3.04 11.47
CA PHE A 317 3.45 -2.19 10.30
C PHE A 317 2.22 -2.62 9.50
N ASN A 318 1.47 -1.66 8.96
CA ASN A 318 0.33 -2.04 8.12
C ASN A 318 0.05 -1.01 7.02
N LYS A 319 -0.80 -1.39 6.07
CA LYS A 319 -1.29 -0.50 5.03
C LYS A 319 -2.54 -1.09 4.38
N THR A 320 -3.60 -0.30 4.34
CA THR A 320 -4.80 -0.68 3.63
C THR A 320 -4.69 -0.19 2.19
N GLY A 321 -5.47 -0.82 1.31
CA GLY A 321 -5.52 -0.37 -0.07
C GLY A 321 -6.87 -0.75 -0.65
N SER A 322 -7.47 0.16 -1.41
CA SER A 322 -8.79 -0.09 -1.97
C SER A 322 -8.96 0.59 -3.33
N THR A 323 -9.65 -0.09 -4.24
CA THR A 323 -10.12 0.53 -5.48
C THR A 323 -11.62 0.27 -5.56
N ASN A 324 -12.26 0.70 -6.64
CA ASN A 324 -13.70 0.49 -6.78
C ASN A 324 -14.06 -0.98 -6.67
N GLY A 325 -13.17 -1.85 -7.12
CA GLY A 325 -13.50 -3.26 -7.17
C GLY A 325 -12.66 -4.17 -6.29
N PHE A 326 -11.66 -3.62 -5.62
CA PHE A 326 -10.73 -4.44 -4.83
C PHE A 326 -10.55 -3.92 -3.42
N GLY A 327 -10.17 -4.81 -2.51
CA GLY A 327 -9.85 -4.45 -1.13
C GLY A 327 -8.65 -5.23 -0.60
N ALA A 328 -7.59 -4.53 -0.23
CA ALA A 328 -6.36 -5.20 0.21
C ALA A 328 -5.97 -4.79 1.64
N TYR A 329 -5.21 -5.64 2.31
CA TYR A 329 -4.64 -5.26 3.60
C TYR A 329 -3.37 -6.05 3.85
N VAL A 330 -2.33 -5.40 4.36
CA VAL A 330 -1.11 -6.08 4.75
C VAL A 330 -0.70 -5.59 6.13
N ALA A 331 -0.31 -6.52 6.99
CA ALA A 331 0.27 -6.16 8.28
C ALA A 331 1.32 -7.17 8.70
N PHE A 332 2.37 -6.71 9.37
CA PHE A 332 3.40 -7.64 9.81
C PHE A 332 4.14 -7.11 11.02
N VAL A 333 4.76 -8.03 11.75
CA VAL A 333 5.45 -7.72 12.99
C VAL A 333 6.86 -8.33 12.95
N PRO A 334 7.85 -7.53 12.56
CA PRO A 334 9.21 -8.04 12.38
C PRO A 334 9.76 -8.75 13.61
N ALA A 335 9.50 -8.21 14.80
CA ALA A 335 10.09 -8.78 16.02
C ALA A 335 9.57 -10.18 16.33
N ARG A 336 8.43 -10.54 15.74
CA ARG A 336 7.81 -11.84 15.97
C ARG A 336 7.84 -12.71 14.70
N GLY A 337 8.35 -12.16 13.62
CA GLY A 337 8.44 -12.89 12.36
C GLY A 337 7.10 -13.37 11.84
N ILE A 338 6.06 -12.57 12.05
CA ILE A 338 4.71 -12.90 11.58
C ILE A 338 4.18 -11.81 10.64
N GLY A 339 3.31 -12.21 9.72
CA GLY A 339 2.68 -11.26 8.83
C GLY A 339 1.45 -11.82 8.15
N ILE A 340 0.60 -10.94 7.63
CA ILE A 340 -0.55 -11.40 6.85
C ILE A 340 -0.84 -10.47 5.68
N VAL A 341 -1.23 -11.09 4.58
CA VAL A 341 -1.66 -10.39 3.38
C VAL A 341 -3.06 -10.88 3.07
N MET A 342 -3.98 -9.94 2.83
CA MET A 342 -5.35 -10.28 2.47
C MET A 342 -5.73 -9.49 1.22
N LEU A 343 -5.97 -10.19 0.11
CA LEU A 343 -6.33 -9.52 -1.14
C LEU A 343 -7.70 -9.99 -1.66
N ALA A 344 -8.65 -9.07 -1.80
CA ALA A 344 -10.00 -9.42 -2.25
C ALA A 344 -10.43 -8.65 -3.50
N ASN A 345 -11.32 -9.24 -4.27
CA ASN A 345 -11.84 -8.51 -5.43
C ASN A 345 -13.22 -7.94 -5.16
N ARG A 346 -13.36 -7.39 -3.97
CA ARG A 346 -14.45 -6.47 -3.62
C ARG A 346 -13.90 -5.47 -2.59
N ASN A 347 -14.29 -4.21 -2.72
CA ASN A 347 -13.92 -3.19 -1.74
C ASN A 347 -14.84 -3.24 -0.52
N TYR A 348 -14.51 -4.09 0.43
CA TYR A 348 -15.34 -4.25 1.61
C TYR A 348 -14.74 -3.43 2.77
N PRO A 349 -15.53 -3.14 3.82
CA PRO A 349 -15.11 -2.16 4.84
C PRO A 349 -13.76 -2.41 5.50
N ILE A 350 -13.00 -1.33 5.66
CA ILE A 350 -11.68 -1.39 6.29
C ILE A 350 -11.74 -2.00 7.69
N GLU A 351 -12.81 -1.70 8.43
CA GLU A 351 -12.97 -2.27 9.78
C GLU A 351 -12.99 -3.81 9.78
N ALA A 352 -13.68 -4.40 8.80
CA ALA A 352 -13.71 -5.86 8.66
C ALA A 352 -12.34 -6.44 8.38
N ARG A 353 -11.55 -5.77 7.55
CA ARG A 353 -10.18 -6.24 7.27
C ARG A 353 -9.33 -6.31 8.51
N ILE A 354 -9.35 -5.23 9.29
CA ILE A 354 -8.54 -5.11 10.49
C ILE A 354 -8.94 -6.09 11.57
N LYS A 355 -10.24 -6.26 11.76
CA LYS A 355 -10.71 -7.19 12.79
C LYS A 355 -10.23 -8.61 12.48
N ALA A 356 -10.34 -9.01 11.22
CA ALA A 356 -9.91 -10.35 10.82
C ALA A 356 -8.40 -10.49 10.94
N ALA A 357 -7.65 -9.52 10.43
CA ALA A 357 -6.19 -9.58 10.42
C ALA A 357 -5.69 -9.61 11.85
N HIS A 358 -6.27 -8.76 12.66
CA HIS A 358 -5.85 -8.69 14.05
C HIS A 358 -6.09 -10.00 14.78
N ALA A 359 -7.26 -10.58 14.59
CA ALA A 359 -7.59 -11.88 15.16
C ALA A 359 -6.59 -12.94 14.74
N ILE A 360 -6.26 -12.96 13.44
CA ILE A 360 -5.35 -13.97 12.92
C ILE A 360 -3.93 -13.78 13.44
N LEU A 361 -3.47 -12.53 13.46
CA LEU A 361 -2.09 -12.27 13.88
C LEU A 361 -1.87 -12.67 15.33
N ALA A 362 -2.89 -12.45 16.15
CA ALA A 362 -2.83 -12.78 17.57
C ALA A 362 -2.62 -14.29 17.81
N GLN A 363 -3.22 -15.12 16.95
CA GLN A 363 -3.05 -16.57 17.02
C GLN A 363 -1.67 -16.99 16.56
N LEU A 364 -1.18 -16.35 15.50
CA LEU A 364 0.15 -16.63 14.98
C LEU A 364 1.21 -16.32 16.03
N ALA A 365 0.98 -15.26 16.81
CA ALA A 365 1.91 -14.86 17.86
C ALA A 365 1.88 -15.86 19.01
#